data_8BSF
#
_entry.id   8BSF
#
_cell.length_a   104.693
_cell.length_b   71.197
_cell.length_c   121.245
_cell.angle_alpha   90.00
_cell.angle_beta   90.04
_cell.angle_gamma   90.00
#
_symmetry.space_group_name_H-M   'C 1 2 1'
#
loop_
_entity.id
_entity.type
_entity.pdbx_description
1 polymer 'Spike protein S1'
2 polymer '3D2 FAB HEAVY CHAIN'
3 polymer '3D2 FAB LIGHT CHAIN'
4 non-polymer 2-acetamido-2-deoxy-beta-D-glucopyranose
5 non-polymer GLYCEROL
6 water water
#
loop_
_entity_poly.entity_id
_entity_poly.type
_entity_poly.pdbx_seq_one_letter_code
_entity_poly.pdbx_strand_id
1 'polypeptide(L)'
;RVQPTESIVRFPNITNLCPFGEVFNATRFASVYAWNRKRISNCVADYSVLYNSASFSTFKCYGVSPTKLNDLCFTNVYAD
SFVIRGDEVRQIAPGQTGNIADYNYKLPDDFTGCVIAWNSNNLDSKVGGNYNYLYRLFRKSNLKPFERDISTEIYQAGST
PCNGVKGFNCYFPLQSYGFQPTYGVGYQPYRVVVLSFELLHAPATVCGPKKSTNLVKNKCVNFSGHHHHHH
;
A
2 'polypeptide(L)'
;EVQLVQSGAEVKKPGDSLKISCKGSGYSFANYWIGWVRQKPGKGLEWMGIIYPGDSDTRYSPSSLGQVSISVDKSISTAY
LQWSSLKASDTAMYYCARHPIHGYGSGSLYNPDYWGQGTLVTVSSASTKGPSVFPLAPSSKSTSGGTAALGCLVKDYFPE
PVTVSWNSGALTSGVHTFPAVLQSSGLYSLSSVVTVPSSSLGTQTYICNVNHKPSNTKVDKKVEPKSCDKT
;
H
3 'polypeptide(L)'
;QSVLTQPPSVSAAPGQKVTISCSGSNSNIGINYVSWYQQLPETAPKLLIYENNQRPSGIPDRFSGSKSGTSATLGITGLQ
TGDEADYYCGTWDTSLGAYVFGTGTKVTVLGQPKAAPSVTLFPPSSEELQANKATLVCLISDFYPGAVTVAWKADSSPVK
AGVETTTPSKQSNNKYAASSYLSLTPEQWKSHRSYSCQVTHEGSTVEKTVAPTECS
;
L
#
loop_
_chem_comp.id
_chem_comp.type
_chem_comp.name
_chem_comp.formula
GOL non-polymer GLYCEROL 'C3 H8 O3'
NAG D-saccharide, beta linking 2-acetamido-2-deoxy-beta-D-glucopyranose 'C8 H15 N O6'
#
# COMPACT_ATOMS: atom_id res chain seq x y z
N CYS A 18 -29.13 -14.90 -20.74
CA CYS A 18 -28.27 -14.35 -21.83
C CYS A 18 -26.96 -13.80 -21.26
N PRO A 19 -25.80 -14.08 -21.88
CA PRO A 19 -24.50 -13.69 -21.30
C PRO A 19 -24.15 -12.22 -21.59
N PHE A 20 -25.06 -11.29 -21.25
CA PHE A 20 -24.87 -9.82 -21.31
C PHE A 20 -23.75 -9.41 -20.36
N GLY A 21 -23.62 -10.15 -19.26
CA GLY A 21 -22.53 -9.99 -18.26
C GLY A 21 -21.17 -10.01 -18.93
N GLU A 22 -20.99 -10.89 -19.93
CA GLU A 22 -19.69 -11.06 -20.66
C GLU A 22 -19.34 -9.77 -21.43
N VAL A 23 -20.33 -8.88 -21.65
CA VAL A 23 -20.18 -7.67 -22.51
C VAL A 23 -20.07 -6.42 -21.64
N PHE A 24 -21.02 -6.22 -20.72
CA PHE A 24 -21.09 -5.06 -19.80
C PHE A 24 -19.97 -5.12 -18.74
N ASN A 25 -19.81 -6.28 -18.10
CA ASN A 25 -18.87 -6.51 -16.98
C ASN A 25 -17.54 -7.04 -17.54
N ALA A 26 -17.26 -6.87 -18.84
CA ALA A 26 -15.99 -7.28 -19.51
C ALA A 26 -14.84 -6.43 -19.00
N THR A 27 -13.71 -7.07 -18.65
CA THR A 27 -12.59 -6.39 -17.97
C THR A 27 -11.87 -5.52 -19.00
N ARG A 28 -11.70 -6.03 -20.24
CA ARG A 28 -11.04 -5.34 -21.37
C ARG A 28 -12.07 -4.94 -22.43
N PHE A 29 -11.96 -3.69 -22.92
CA PHE A 29 -12.78 -3.11 -24.02
C PHE A 29 -11.91 -2.80 -25.26
N ALA A 30 -12.55 -2.83 -26.43
CA ALA A 30 -11.91 -2.47 -27.73
C ALA A 30 -11.75 -0.96 -27.85
N SER A 31 -10.66 -0.53 -28.50
CA SER A 31 -10.58 0.75 -29.27
C SER A 31 -11.81 0.89 -30.19
N VAL A 32 -12.33 2.09 -30.37
CA VAL A 32 -13.58 2.31 -31.16
C VAL A 32 -13.35 1.86 -32.62
N TYR A 33 -12.17 2.10 -33.19
CA TYR A 33 -11.90 1.76 -34.61
C TYR A 33 -11.91 0.24 -34.82
N ALA A 34 -11.57 -0.55 -33.78
CA ALA A 34 -11.56 -2.03 -33.81
C ALA A 34 -12.67 -2.54 -32.92
N TRP A 35 -13.82 -1.85 -32.96
CA TRP A 35 -14.97 -2.13 -32.07
C TRP A 35 -15.27 -3.63 -32.09
N ASN A 36 -15.61 -4.17 -30.94
CA ASN A 36 -15.88 -5.62 -30.73
C ASN A 36 -17.40 -5.84 -30.88
N ARG A 37 -17.76 -6.97 -31.52
CA ARG A 37 -19.16 -7.43 -31.74
C ARG A 37 -19.26 -8.83 -31.14
N LYS A 38 -20.25 -9.05 -30.29
CA LYS A 38 -20.54 -10.37 -29.67
C LYS A 38 -21.97 -10.76 -30.06
N ARG A 39 -22.11 -11.88 -30.76
CA ARG A 39 -23.41 -12.43 -31.21
C ARG A 39 -24.10 -13.11 -30.01
N ILE A 40 -25.36 -12.74 -29.74
CA ILE A 40 -26.23 -13.35 -28.71
C ILE A 40 -27.44 -13.98 -29.40
N SER A 41 -27.78 -15.23 -29.06
CA SER A 41 -28.70 -16.10 -29.85
C SER A 41 -29.87 -16.66 -29.00
N ASN A 42 -29.59 -17.58 -28.07
CA ASN A 42 -30.61 -18.49 -27.47
C ASN A 42 -30.59 -18.38 -25.94
N CYS A 43 -31.47 -17.55 -25.37
CA CYS A 43 -31.52 -17.16 -23.93
C CYS A 43 -32.56 -16.05 -23.71
N VAL A 44 -32.58 -15.40 -22.53
CA VAL A 44 -33.54 -14.29 -22.17
C VAL A 44 -32.77 -13.07 -21.63
N ALA A 45 -33.32 -11.86 -21.83
CA ALA A 45 -32.73 -10.54 -21.49
C ALA A 45 -33.06 -10.17 -20.02
N ASP A 46 -33.00 -8.89 -19.65
CA ASP A 46 -33.32 -8.43 -18.26
C ASP A 46 -33.40 -6.88 -18.20
N TYR A 47 -33.25 -6.30 -17.00
CA TYR A 47 -33.30 -4.82 -16.73
C TYR A 47 -31.96 -4.33 -16.16
N SER A 48 -31.75 -3.01 -16.20
CA SER A 48 -30.45 -2.33 -15.94
C SER A 48 -30.68 -1.03 -15.16
N ALA A 54 -28.54 2.20 -12.80
CA ALA A 54 -28.17 3.42 -12.04
C ALA A 54 -26.65 3.75 -12.13
N SER A 55 -25.84 2.86 -12.73
CA SER A 55 -24.39 3.08 -12.96
C SER A 55 -24.14 3.37 -14.46
N PHE A 56 -25.13 3.88 -15.17
CA PHE A 56 -25.04 4.23 -16.61
C PHE A 56 -25.51 5.67 -16.82
N SER A 57 -24.66 6.53 -17.42
CA SER A 57 -24.97 7.96 -17.67
C SER A 57 -25.93 8.08 -18.88
N THR A 58 -25.83 7.14 -19.82
CA THR A 58 -26.61 7.11 -21.09
C THR A 58 -27.33 5.77 -21.24
N PHE A 59 -28.66 5.78 -21.29
CA PHE A 59 -29.48 4.61 -21.70
C PHE A 59 -30.58 5.07 -22.68
N LYS A 60 -30.25 5.14 -23.97
CA LYS A 60 -31.12 5.68 -25.04
C LYS A 60 -31.44 4.56 -26.03
N CYS A 61 -32.73 4.27 -26.18
CA CYS A 61 -33.25 3.26 -27.14
C CYS A 61 -33.92 3.98 -28.32
N TYR A 62 -33.91 3.32 -29.48
CA TYR A 62 -34.40 3.84 -30.78
C TYR A 62 -35.19 2.72 -31.48
N GLY A 63 -36.48 2.98 -31.76
CA GLY A 63 -37.38 2.04 -32.46
C GLY A 63 -38.20 1.21 -31.49
N VAL A 64 -37.71 1.02 -30.26
CA VAL A 64 -38.42 0.29 -29.16
C VAL A 64 -38.50 1.22 -27.95
N SER A 65 -39.04 0.73 -26.84
CA SER A 65 -39.06 1.42 -25.52
C SER A 65 -39.22 0.40 -24.38
N PRO A 66 -38.45 0.53 -23.27
CA PRO A 66 -38.73 -0.21 -22.05
C PRO A 66 -40.12 0.10 -21.46
N LEU A 72 -40.66 -8.62 -25.28
CA LEU A 72 -40.47 -8.62 -26.75
C LEU A 72 -39.42 -9.67 -27.12
N CYS A 73 -39.48 -10.20 -28.36
CA CYS A 73 -38.59 -11.29 -28.88
C CYS A 73 -37.96 -10.86 -30.21
N PHE A 74 -36.76 -11.38 -30.52
CA PHE A 74 -35.98 -11.09 -31.77
C PHE A 74 -35.16 -12.30 -32.21
N THR A 75 -34.79 -12.31 -33.49
CA THR A 75 -34.10 -13.42 -34.20
C THR A 75 -32.70 -13.60 -33.62
N ASN A 76 -31.92 -12.51 -33.59
CA ASN A 76 -30.61 -12.40 -32.89
C ASN A 76 -30.47 -11.03 -32.25
N VAL A 77 -29.53 -10.92 -31.31
CA VAL A 77 -29.10 -9.66 -30.65
C VAL A 77 -27.59 -9.54 -30.86
N TYR A 78 -27.14 -8.38 -31.32
CA TYR A 78 -25.70 -8.04 -31.46
C TYR A 78 -25.37 -7.01 -30.38
N ALA A 79 -24.29 -7.29 -29.64
CA ALA A 79 -23.72 -6.42 -28.59
C ALA A 79 -22.43 -5.84 -29.15
N ASP A 80 -22.45 -4.54 -29.47
CA ASP A 80 -21.26 -3.80 -29.96
C ASP A 80 -20.67 -3.01 -28.78
N SER A 81 -19.36 -3.09 -28.56
CA SER A 81 -18.72 -2.50 -27.35
C SER A 81 -17.37 -1.86 -27.73
N PHE A 82 -17.04 -0.73 -27.10
CA PHE A 82 -15.78 0.01 -27.37
C PHE A 82 -15.66 1.19 -26.41
N VAL A 83 -14.53 1.91 -26.47
CA VAL A 83 -14.25 3.12 -25.64
C VAL A 83 -14.04 4.36 -26.53
N ILE A 84 -14.65 5.48 -26.11
CA ILE A 84 -14.51 6.84 -26.73
C ILE A 84 -14.46 7.87 -25.60
N ARG A 85 -14.33 9.15 -25.94
CA ARG A 85 -14.40 10.32 -25.02
C ARG A 85 -15.85 10.57 -24.64
N GLY A 86 -16.09 11.13 -23.45
CA GLY A 86 -17.45 11.42 -22.95
C GLY A 86 -18.22 12.27 -23.95
N ASP A 87 -17.58 13.28 -24.54
CA ASP A 87 -18.27 14.28 -25.39
C ASP A 87 -18.40 13.76 -26.82
N GLU A 88 -18.07 12.49 -27.08
CA GLU A 88 -18.30 11.80 -28.37
C GLU A 88 -19.48 10.82 -28.24
N VAL A 89 -20.05 10.70 -27.03
CA VAL A 89 -21.16 9.73 -26.78
C VAL A 89 -22.40 10.20 -27.55
N ARG A 90 -22.62 11.52 -27.70
CA ARG A 90 -23.70 12.10 -28.58
C ARG A 90 -23.67 11.48 -29.99
N GLN A 91 -22.49 11.13 -30.52
CA GLN A 91 -22.24 10.65 -31.91
C GLN A 91 -22.68 9.20 -32.10
N ILE A 92 -22.98 8.44 -31.05
CA ILE A 92 -23.41 7.03 -31.23
C ILE A 92 -24.95 7.01 -31.26
N ALA A 93 -25.51 7.49 -32.37
CA ALA A 93 -26.97 7.72 -32.58
C ALA A 93 -27.25 7.80 -34.08
N PRO A 94 -28.52 7.57 -34.51
CA PRO A 94 -28.89 7.65 -35.92
C PRO A 94 -28.57 9.04 -36.47
N GLY A 95 -27.88 9.09 -37.62
CA GLY A 95 -27.68 10.31 -38.42
C GLY A 95 -26.93 11.37 -37.65
N GLN A 96 -25.80 11.01 -37.06
CA GLN A 96 -24.86 11.99 -36.46
C GLN A 96 -23.62 12.02 -37.37
N THR A 97 -22.80 13.07 -37.22
CA THR A 97 -21.53 13.23 -37.95
C THR A 97 -20.47 13.62 -36.92
N GLY A 98 -19.21 13.59 -37.34
CA GLY A 98 -18.02 13.70 -36.48
C GLY A 98 -17.10 12.55 -36.83
N ASN A 99 -15.85 12.63 -36.37
CA ASN A 99 -14.82 11.62 -36.72
C ASN A 99 -15.29 10.25 -36.21
N ILE A 100 -16.13 10.15 -35.18
CA ILE A 100 -16.50 8.80 -34.65
C ILE A 100 -17.58 8.21 -35.57
N ALA A 101 -18.73 8.88 -35.71
CA ALA A 101 -19.84 8.45 -36.59
C ALA A 101 -19.34 8.25 -38.03
N ASP A 102 -18.50 9.15 -38.56
CA ASP A 102 -18.05 9.10 -39.99
C ASP A 102 -17.04 7.96 -40.19
N TYR A 103 -16.02 7.84 -39.32
CA TYR A 103 -14.79 7.04 -39.60
C TYR A 103 -14.54 5.89 -38.60
N ASN A 104 -15.38 5.65 -37.58
CA ASN A 104 -15.09 4.62 -36.54
C ASN A 104 -16.29 3.70 -36.29
N TYR A 105 -17.44 4.23 -35.93
CA TYR A 105 -18.65 3.40 -35.68
C TYR A 105 -19.89 4.19 -36.14
N LYS A 106 -20.58 3.68 -37.17
CA LYS A 106 -21.76 4.32 -37.79
C LYS A 106 -23.02 3.51 -37.46
N LEU A 107 -24.04 4.18 -36.93
CA LEU A 107 -25.41 3.62 -36.81
C LEU A 107 -26.23 3.99 -38.05
N PRO A 108 -27.07 3.08 -38.59
CA PRO A 108 -27.99 3.43 -39.68
C PRO A 108 -29.10 4.39 -39.22
N ASP A 109 -29.77 5.06 -40.17
CA ASP A 109 -30.81 6.09 -39.89
C ASP A 109 -32.07 5.40 -39.37
N ASP A 110 -32.26 4.11 -39.68
CA ASP A 110 -33.47 3.29 -39.40
C ASP A 110 -33.27 2.42 -38.14
N PHE A 111 -32.17 2.61 -37.40
CA PHE A 111 -31.66 1.73 -36.30
C PHE A 111 -32.75 1.38 -35.29
N THR A 112 -32.93 0.08 -35.02
CA THR A 112 -33.65 -0.45 -33.83
C THR A 112 -32.63 -1.12 -32.90
N GLY A 113 -32.47 -0.57 -31.70
CA GLY A 113 -31.54 -1.06 -30.66
C GLY A 113 -31.35 -0.05 -29.54
N CYS A 114 -30.52 -0.37 -28.55
CA CYS A 114 -30.26 0.52 -27.40
C CYS A 114 -28.78 0.87 -27.34
N VAL A 115 -28.49 2.10 -26.94
CA VAL A 115 -27.12 2.64 -26.77
C VAL A 115 -26.91 2.95 -25.29
N ILE A 116 -25.89 2.31 -24.70
CA ILE A 116 -25.58 2.44 -23.24
C ILE A 116 -24.12 2.86 -23.10
N ALA A 117 -23.86 3.89 -22.27
CA ALA A 117 -22.51 4.36 -21.95
C ALA A 117 -22.37 4.66 -20.45
N TRP A 118 -21.12 4.63 -19.97
CA TRP A 118 -20.81 5.05 -18.58
C TRP A 118 -19.36 5.51 -18.48
N ASN A 119 -19.11 6.41 -17.54
CA ASN A 119 -17.76 6.93 -17.24
C ASN A 119 -16.87 5.76 -16.81
N SER A 120 -15.70 5.62 -17.41
CA SER A 120 -14.77 4.48 -17.14
C SER A 120 -13.38 5.04 -16.80
N ASN A 121 -13.32 6.26 -16.29
CA ASN A 121 -12.06 6.88 -15.79
C ASN A 121 -11.36 5.92 -14.81
N ASN A 122 -12.11 5.22 -13.97
CA ASN A 122 -11.46 4.32 -12.98
C ASN A 122 -10.67 3.22 -13.68
N LEU A 123 -11.14 2.68 -14.80
CA LEU A 123 -10.52 1.47 -15.43
C LEU A 123 -9.55 1.85 -16.56
N ASP A 124 -9.76 2.98 -17.23
CA ASP A 124 -9.27 3.22 -18.61
C ASP A 124 -8.26 4.39 -18.66
N SER A 125 -8.19 5.22 -17.61
CA SER A 125 -7.20 6.34 -17.47
C SER A 125 -6.00 5.87 -16.65
N LYS A 126 -4.83 6.42 -16.93
CA LYS A 126 -3.54 6.00 -16.33
C LYS A 126 -2.76 7.27 -15.99
N VAL A 127 -1.91 7.20 -14.95
CA VAL A 127 -1.02 8.31 -14.48
C VAL A 127 -0.31 8.99 -15.67
N GLY A 128 0.45 8.24 -16.47
CA GLY A 128 1.24 8.80 -17.59
C GLY A 128 0.47 9.05 -18.89
N GLY A 129 -0.86 8.87 -18.92
CA GLY A 129 -1.67 8.86 -20.15
C GLY A 129 -1.80 7.46 -20.72
N ASN A 130 -3.04 6.97 -20.88
CA ASN A 130 -3.26 5.64 -21.50
C ASN A 130 -3.22 5.77 -23.03
N TYR A 131 -2.21 5.19 -23.68
CA TYR A 131 -2.02 5.22 -25.16
C TYR A 131 -2.98 4.28 -25.87
N ASN A 132 -3.37 3.18 -25.22
CA ASN A 132 -3.81 1.93 -25.91
C ASN A 132 -5.12 2.13 -26.67
N TYR A 133 -5.97 3.06 -26.24
CA TYR A 133 -7.27 3.34 -26.90
C TYR A 133 -7.04 4.35 -28.04
N LEU A 134 -7.35 3.92 -29.25
CA LEU A 134 -7.03 4.66 -30.50
C LEU A 134 -8.34 4.96 -31.24
N TYR A 135 -8.28 5.94 -32.13
CA TYR A 135 -9.37 6.28 -33.07
C TYR A 135 -8.79 6.54 -34.46
N ARG A 136 -9.62 6.35 -35.49
CA ARG A 136 -9.30 6.76 -36.89
C ARG A 136 -9.59 8.25 -37.05
N LEU A 137 -8.61 9.03 -37.50
CA LEU A 137 -8.78 10.49 -37.72
C LEU A 137 -9.02 10.82 -39.21
N PHE A 138 -8.41 10.06 -40.12
CA PHE A 138 -8.45 10.28 -41.60
C PHE A 138 -8.94 8.99 -42.28
N ARG A 139 -9.71 9.18 -43.35
CA ARG A 139 -10.30 8.09 -44.17
C ARG A 139 -10.86 8.68 -45.47
N LYS A 140 -10.71 7.97 -46.60
CA LYS A 140 -10.99 8.53 -47.95
C LYS A 140 -12.50 8.74 -48.09
N SER A 141 -13.33 7.96 -47.40
CA SER A 141 -14.80 8.16 -47.33
C SER A 141 -15.37 7.70 -45.99
N ASN A 142 -16.67 7.90 -45.78
CA ASN A 142 -17.40 7.47 -44.57
C ASN A 142 -17.62 5.95 -44.59
N LEU A 143 -17.64 5.35 -43.39
CA LEU A 143 -18.11 3.97 -43.13
C LEU A 143 -19.58 3.94 -43.48
N LYS A 144 -20.06 2.81 -43.99
CA LYS A 144 -21.50 2.50 -44.07
C LYS A 144 -21.88 1.93 -42.72
N PRO A 145 -23.17 1.95 -42.33
CA PRO A 145 -23.59 1.49 -41.01
C PRO A 145 -23.05 0.10 -40.65
N PHE A 146 -22.45 -0.05 -39.47
CA PHE A 146 -21.94 -1.32 -38.87
C PHE A 146 -20.72 -1.85 -39.63
N GLU A 147 -20.03 -0.98 -40.38
CA GLU A 147 -18.75 -1.33 -41.07
C GLU A 147 -17.59 -1.09 -40.09
N ARG A 148 -16.56 -1.93 -40.17
CA ARG A 148 -15.36 -1.90 -39.29
C ARG A 148 -14.13 -1.83 -40.17
N ASP A 149 -13.19 -0.93 -39.87
CA ASP A 149 -11.96 -0.75 -40.65
C ASP A 149 -10.77 -0.76 -39.69
N ILE A 150 -9.89 -1.76 -39.79
CA ILE A 150 -8.74 -2.04 -38.87
C ILE A 150 -7.42 -1.70 -39.57
N SER A 151 -7.48 -1.11 -40.78
CA SER A 151 -6.34 -0.72 -41.66
C SER A 151 -5.33 0.16 -40.90
N THR A 152 -4.03 -0.08 -41.13
CA THR A 152 -2.90 0.72 -40.59
C THR A 152 -2.12 1.36 -41.76
N GLU A 153 -2.79 1.53 -42.92
CA GLU A 153 -2.17 2.01 -44.19
C GLU A 153 -2.21 3.54 -44.24
N ILE A 154 -1.08 4.15 -44.61
CA ILE A 154 -0.87 5.63 -44.59
C ILE A 154 -1.93 6.28 -45.49
N TYR A 155 -2.55 7.36 -45.02
CA TYR A 155 -3.59 8.14 -45.74
C TYR A 155 -2.90 9.13 -46.70
N GLN A 156 -3.25 9.03 -47.98
CA GLN A 156 -2.75 9.92 -49.06
C GLN A 156 -3.66 11.15 -49.13
N ALA A 157 -3.16 12.30 -48.68
CA ALA A 157 -3.87 13.60 -48.63
C ALA A 157 -3.65 14.35 -49.95
N GLY A 158 -2.38 14.48 -50.36
CA GLY A 158 -1.94 15.22 -51.56
C GLY A 158 -1.84 14.32 -52.79
N SER A 159 -1.09 14.78 -53.80
CA SER A 159 -0.95 14.14 -55.14
C SER A 159 0.02 12.96 -55.06
N THR A 160 1.14 13.14 -54.33
CA THR A 160 2.25 12.17 -54.19
C THR A 160 1.71 10.89 -53.54
N PRO A 161 1.94 9.69 -54.14
CA PRO A 161 1.73 8.42 -53.44
C PRO A 161 2.70 8.33 -52.25
N CYS A 162 2.30 7.63 -51.19
CA CYS A 162 3.02 7.60 -49.89
C CYS A 162 3.76 6.25 -49.74
N ASN A 163 5.07 6.32 -49.52
CA ASN A 163 5.98 5.13 -49.41
C ASN A 163 6.02 4.64 -47.96
N GLY A 164 4.88 4.60 -47.27
CA GLY A 164 4.78 4.20 -45.86
C GLY A 164 5.61 5.09 -44.93
N VAL A 165 5.67 6.41 -45.20
CA VAL A 165 6.31 7.43 -44.30
C VAL A 165 5.24 8.45 -43.90
N ASN A 169 2.49 15.41 -46.96
CA ASN A 169 1.04 15.18 -47.17
C ASN A 169 0.68 13.70 -46.94
N CYS A 170 1.48 12.98 -46.13
CA CYS A 170 1.34 11.52 -45.84
C CYS A 170 1.29 11.30 -44.32
N TYR A 171 0.13 10.88 -43.78
CA TYR A 171 -0.19 10.85 -42.33
C TYR A 171 -0.65 9.44 -41.90
N PHE A 172 -0.27 9.01 -40.69
CA PHE A 172 -0.80 7.75 -40.08
C PHE A 172 -2.26 7.99 -39.68
N PRO A 173 -3.22 7.13 -40.07
CA PRO A 173 -4.65 7.44 -39.88
C PRO A 173 -5.21 7.25 -38.45
N LEU A 174 -4.50 6.52 -37.58
CA LEU A 174 -4.95 6.24 -36.18
C LEU A 174 -4.24 7.18 -35.21
N GLN A 175 -4.96 7.64 -34.20
CA GLN A 175 -4.34 8.44 -33.10
C GLN A 175 -4.83 7.92 -31.75
N SER A 176 -4.13 8.30 -30.68
CA SER A 176 -4.45 7.90 -29.29
C SER A 176 -5.29 8.97 -28.61
N TYR A 177 -6.26 8.55 -27.81
CA TYR A 177 -6.94 9.41 -26.83
C TYR A 177 -6.01 9.86 -25.67
N GLY A 178 -4.99 9.06 -25.31
CA GLY A 178 -4.12 9.38 -24.16
C GLY A 178 -4.90 9.74 -22.89
N PHE A 179 -5.76 8.86 -22.39
CA PHE A 179 -6.71 9.24 -21.32
C PHE A 179 -5.95 9.43 -20.01
N GLN A 180 -6.21 10.51 -19.29
CA GLN A 180 -5.53 10.86 -18.02
C GLN A 180 -6.62 11.00 -16.97
N PRO A 181 -6.38 10.59 -15.71
CA PRO A 181 -7.43 10.54 -14.70
C PRO A 181 -7.95 11.94 -14.35
N THR A 182 -7.15 12.98 -14.58
CA THR A 182 -7.39 14.38 -14.12
C THR A 182 -8.14 15.24 -15.16
N TYR A 183 -8.26 14.81 -16.42
CA TYR A 183 -8.97 15.59 -17.47
C TYR A 183 -10.44 15.75 -17.09
N GLY A 184 -11.10 16.76 -17.68
CA GLY A 184 -12.53 17.04 -17.49
C GLY A 184 -13.38 15.90 -18.02
N VAL A 185 -14.64 15.82 -17.58
CA VAL A 185 -15.55 14.68 -17.85
C VAL A 185 -15.68 14.46 -19.37
N GLY A 186 -15.69 15.55 -20.14
CA GLY A 186 -15.78 15.50 -21.62
C GLY A 186 -14.67 14.68 -22.25
N TYR A 187 -13.44 14.80 -21.73
CA TYR A 187 -12.23 14.12 -22.25
C TYR A 187 -11.91 12.84 -21.43
N GLN A 188 -12.85 12.30 -20.67
CA GLN A 188 -12.61 11.02 -19.95
C GLN A 188 -13.11 9.84 -20.78
N PRO A 189 -12.49 8.65 -20.62
CA PRO A 189 -12.95 7.45 -21.31
C PRO A 189 -14.34 7.05 -20.80
N TYR A 190 -15.24 6.81 -21.75
CA TYR A 190 -16.54 6.17 -21.50
C TYR A 190 -16.53 4.85 -22.26
N ARG A 191 -17.10 3.83 -21.63
CA ARG A 191 -17.33 2.49 -22.19
C ARG A 191 -18.74 2.53 -22.76
N VAL A 192 -18.89 2.02 -23.98
CA VAL A 192 -20.17 2.06 -24.72
C VAL A 192 -20.54 0.62 -25.11
N VAL A 193 -21.80 0.26 -24.88
CA VAL A 193 -22.39 -0.99 -25.44
C VAL A 193 -23.60 -0.61 -26.31
N VAL A 194 -23.56 -1.04 -27.57
CA VAL A 194 -24.70 -0.92 -28.54
C VAL A 194 -25.29 -2.32 -28.70
N LEU A 195 -26.59 -2.44 -28.41
CA LEU A 195 -27.38 -3.66 -28.72
C LEU A 195 -28.19 -3.40 -29.99
N SER A 196 -27.97 -4.21 -31.02
CA SER A 196 -28.81 -4.28 -32.24
C SER A 196 -29.76 -5.48 -32.11
N PHE A 197 -31.02 -5.28 -32.50
CA PHE A 197 -32.07 -6.33 -32.55
C PHE A 197 -32.52 -6.52 -34.01
N GLU A 198 -32.21 -7.67 -34.63
CA GLU A 198 -32.54 -7.98 -36.06
C GLU A 198 -33.79 -8.86 -36.11
N LEU A 199 -34.51 -8.82 -37.25
CA LEU A 199 -35.71 -9.65 -37.56
C LEU A 199 -35.65 -10.08 -39.03
N VAL A 206 -34.08 -15.08 -28.36
CA VAL A 206 -33.90 -14.00 -27.33
C VAL A 206 -35.26 -13.34 -27.06
N CYS A 207 -35.72 -13.31 -25.79
CA CYS A 207 -37.08 -12.85 -25.36
C CYS A 207 -37.06 -12.15 -23.99
N GLY A 208 -37.67 -10.96 -23.89
CA GLY A 208 -37.69 -10.10 -22.68
C GLY A 208 -38.98 -10.25 -21.90
N GLU B 1 -9.59 -23.38 -4.66
CA GLU B 1 -9.29 -22.11 -3.94
C GLU B 1 -8.27 -21.29 -4.74
N VAL B 2 -8.45 -19.97 -4.78
CA VAL B 2 -7.45 -18.99 -5.29
C VAL B 2 -6.23 -19.06 -4.38
N GLN B 3 -5.04 -19.19 -4.97
CA GLN B 3 -3.74 -19.21 -4.26
C GLN B 3 -2.78 -18.30 -5.04
N LEU B 4 -2.04 -17.50 -4.30
CA LEU B 4 -0.98 -16.60 -4.80
C LEU B 4 0.28 -16.97 -4.03
N VAL B 5 1.19 -17.68 -4.70
CA VAL B 5 2.45 -18.18 -4.09
C VAL B 5 3.58 -17.29 -4.62
N GLN B 6 4.25 -16.61 -3.69
CA GLN B 6 5.31 -15.62 -3.97
C GLN B 6 6.68 -16.28 -3.84
N SER B 7 7.66 -15.76 -4.55
CA SER B 7 9.10 -16.13 -4.51
C SER B 7 9.59 -15.97 -3.06
N GLY B 8 10.76 -16.56 -2.75
CA GLY B 8 11.37 -16.68 -1.41
C GLY B 8 12.09 -15.40 -0.99
N ALA B 9 12.46 -15.28 0.28
CA ALA B 9 13.09 -14.09 0.87
C ALA B 9 14.37 -13.74 0.08
N GLU B 10 14.61 -12.44 -0.11
CA GLU B 10 15.72 -11.91 -0.93
C GLU B 10 16.63 -11.03 -0.07
N VAL B 11 17.93 -11.32 -0.15
CA VAL B 11 19.03 -10.58 0.53
C VAL B 11 19.95 -10.05 -0.56
N LYS B 12 20.05 -8.73 -0.66
CA LYS B 12 20.70 -8.03 -1.79
C LYS B 12 21.42 -6.81 -1.24
N LYS B 13 22.35 -6.30 -2.04
CA LYS B 13 23.17 -5.07 -1.79
C LYS B 13 22.65 -3.96 -2.70
N PRO B 14 22.69 -2.68 -2.27
CA PRO B 14 22.38 -1.55 -3.16
C PRO B 14 23.13 -1.62 -4.51
N GLY B 15 22.42 -1.27 -5.60
CA GLY B 15 22.90 -1.37 -6.98
C GLY B 15 22.61 -2.72 -7.62
N ASP B 16 22.12 -3.70 -6.87
CA ASP B 16 21.75 -5.02 -7.45
C ASP B 16 20.42 -4.86 -8.19
N SER B 17 20.25 -5.68 -9.22
CA SER B 17 18.98 -5.85 -9.96
C SER B 17 18.23 -6.99 -9.26
N LEU B 18 16.90 -6.99 -9.30
CA LEU B 18 16.07 -7.98 -8.56
C LEU B 18 14.73 -8.10 -9.26
N LYS B 19 14.32 -9.33 -9.52
CA LYS B 19 12.98 -9.64 -10.06
C LYS B 19 12.33 -10.59 -9.06
N ILE B 20 11.23 -10.19 -8.43
CA ILE B 20 10.44 -11.16 -7.59
C ILE B 20 9.20 -11.62 -8.36
N SER B 21 8.70 -12.75 -7.93
CA SER B 21 7.74 -13.61 -8.62
C SER B 21 6.49 -13.82 -7.73
N CYS B 22 5.35 -14.00 -8.36
CA CYS B 22 4.07 -14.40 -7.73
C CYS B 22 3.29 -15.25 -8.74
N LYS B 23 3.03 -16.52 -8.41
CA LYS B 23 2.28 -17.47 -9.29
C LYS B 23 0.83 -17.63 -8.80
N GLY B 24 -0.14 -17.40 -9.69
CA GLY B 24 -1.57 -17.55 -9.42
C GLY B 24 -2.11 -18.90 -9.88
N SER B 25 -2.71 -19.66 -8.96
CA SER B 25 -3.47 -20.89 -9.25
C SER B 25 -4.88 -20.73 -8.70
N GLY B 26 -5.79 -21.65 -9.04
CA GLY B 26 -7.20 -21.71 -8.58
C GLY B 26 -8.11 -20.74 -9.32
N TYR B 27 -7.63 -20.07 -10.37
CA TYR B 27 -8.46 -19.17 -11.21
C TYR B 27 -7.77 -19.00 -12.56
N SER B 28 -8.47 -18.43 -13.55
CA SER B 28 -7.90 -18.10 -14.88
C SER B 28 -6.97 -16.90 -14.74
N PHE B 29 -5.69 -17.16 -14.52
CA PHE B 29 -4.63 -16.14 -14.30
C PHE B 29 -4.79 -14.98 -15.30
N ALA B 30 -5.04 -15.32 -16.57
CA ALA B 30 -5.00 -14.41 -17.73
C ALA B 30 -6.07 -13.31 -17.61
N ASN B 31 -7.22 -13.60 -16.99
CA ASN B 31 -8.46 -12.76 -17.01
C ASN B 31 -8.55 -11.74 -15.85
N TYR B 32 -7.52 -11.58 -15.03
CA TYR B 32 -7.56 -10.79 -13.77
C TYR B 32 -6.31 -9.91 -13.66
N TRP B 33 -6.53 -8.62 -13.50
CA TRP B 33 -5.48 -7.70 -13.06
C TRP B 33 -4.83 -8.26 -11.77
N ILE B 34 -3.53 -8.06 -11.62
CA ILE B 34 -2.70 -8.51 -10.46
C ILE B 34 -1.63 -7.46 -10.23
N GLY B 35 -1.23 -7.24 -8.99
CA GLY B 35 -0.34 -6.12 -8.65
C GLY B 35 0.35 -6.31 -7.33
N TRP B 36 1.05 -5.24 -6.92
CA TRP B 36 2.10 -5.25 -5.91
C TRP B 36 1.82 -4.12 -4.90
N VAL B 37 2.02 -4.46 -3.64
CA VAL B 37 1.89 -3.55 -2.48
C VAL B 37 3.15 -3.69 -1.62
N ARG B 38 3.60 -2.58 -1.07
CA ARG B 38 4.88 -2.50 -0.34
C ARG B 38 4.56 -2.17 1.11
N GLN B 39 5.24 -2.85 2.02
CA GLN B 39 5.12 -2.50 3.45
C GLN B 39 6.52 -2.55 4.05
N LYS B 40 7.01 -1.38 4.42
CA LYS B 40 8.31 -1.21 5.08
C LYS B 40 8.11 -1.62 6.53
N PRO B 41 9.18 -2.10 7.20
CA PRO B 41 9.05 -2.69 8.53
C PRO B 41 8.33 -1.70 9.46
N GLY B 42 7.17 -2.10 10.00
CA GLY B 42 6.33 -1.30 10.91
C GLY B 42 5.59 -0.15 10.26
N LYS B 43 5.39 -0.16 8.94
CA LYS B 43 4.69 0.96 8.26
C LYS B 43 3.38 0.47 7.60
N GLY B 44 2.63 1.42 7.05
CA GLY B 44 1.38 1.21 6.30
C GLY B 44 1.59 0.52 4.96
N LEU B 45 0.49 0.03 4.36
CA LEU B 45 0.41 -0.54 3.00
C LEU B 45 0.53 0.60 1.96
N GLU B 46 1.34 0.37 0.93
CA GLU B 46 1.64 1.32 -0.16
C GLU B 46 1.36 0.60 -1.48
N TRP B 47 0.29 0.99 -2.15
CA TRP B 47 -0.05 0.42 -3.47
C TRP B 47 0.98 0.90 -4.49
N MET B 48 1.54 -0.04 -5.24
CA MET B 48 2.63 0.22 -6.22
C MET B 48 2.08 0.18 -7.67
N GLY B 49 1.26 -0.80 -8.02
CA GLY B 49 0.62 -0.82 -9.35
C GLY B 49 0.16 -2.20 -9.68
N ILE B 50 -0.48 -2.34 -10.85
CA ILE B 50 -1.08 -3.62 -11.32
C ILE B 50 -0.80 -3.84 -12.81
N ILE B 51 -1.01 -5.06 -13.27
CA ILE B 51 -0.82 -5.45 -14.70
C ILE B 51 -1.97 -6.36 -15.12
N TYR B 52 -2.42 -6.25 -16.37
CA TYR B 52 -3.38 -7.18 -17.00
C TYR B 52 -2.60 -8.26 -17.74
N PRO B 53 -2.62 -9.52 -17.26
CA PRO B 53 -1.76 -10.54 -17.84
C PRO B 53 -1.89 -10.69 -19.36
N GLY B 54 -3.12 -10.61 -19.88
CA GLY B 54 -3.48 -10.77 -21.31
C GLY B 54 -2.60 -9.96 -22.26
N ASP B 55 -2.34 -8.68 -21.97
CA ASP B 55 -1.67 -7.76 -22.93
C ASP B 55 -0.68 -6.82 -22.24
N SER B 56 -0.31 -7.10 -20.98
CA SER B 56 0.68 -6.36 -20.16
C SER B 56 0.39 -4.86 -20.05
N ASP B 57 -0.89 -4.46 -20.16
CA ASP B 57 -1.36 -3.09 -19.79
C ASP B 57 -1.13 -2.88 -18.29
N THR B 58 -0.75 -1.67 -17.89
CA THR B 58 -0.28 -1.40 -16.51
C THR B 58 -0.88 -0.10 -15.99
N ARG B 59 -0.96 -0.02 -14.66
CA ARG B 59 -1.34 1.18 -13.88
C ARG B 59 -0.36 1.27 -12.72
N TYR B 60 0.38 2.36 -12.63
CA TYR B 60 1.36 2.69 -11.57
C TYR B 60 0.77 3.84 -10.75
N SER B 61 1.12 3.88 -9.47
CA SER B 61 0.93 5.05 -8.60
C SER B 61 1.96 6.12 -8.99
N PRO B 62 1.67 7.43 -8.79
CA PRO B 62 2.69 8.48 -8.91
C PRO B 62 4.11 8.09 -8.47
N SER B 63 4.25 7.60 -7.24
CA SER B 63 5.53 7.30 -6.55
C SER B 63 6.30 6.17 -7.24
N SER B 64 5.61 5.26 -7.91
CA SER B 64 6.13 3.94 -8.33
C SER B 64 6.47 3.92 -9.83
N LEU B 65 5.91 4.87 -10.60
CA LEU B 65 6.15 4.99 -12.07
C LEU B 65 7.62 5.32 -12.31
N GLY B 66 8.28 4.51 -13.14
CA GLY B 66 9.70 4.68 -13.52
C GLY B 66 10.66 4.05 -12.51
N GLN B 67 10.30 3.99 -11.22
CA GLN B 67 11.16 3.45 -10.10
C GLN B 67 11.32 1.94 -10.24
N VAL B 68 10.25 1.28 -10.68
CA VAL B 68 10.00 -0.17 -10.57
C VAL B 68 9.27 -0.57 -11.85
N SER B 69 9.29 -1.83 -12.24
CA SER B 69 8.63 -2.32 -13.48
C SER B 69 7.95 -3.68 -13.20
N ILE B 70 6.66 -3.77 -13.52
CA ILE B 70 5.82 -4.98 -13.31
C ILE B 70 5.71 -5.68 -14.66
N SER B 71 5.79 -7.01 -14.71
CA SER B 71 5.71 -7.79 -15.97
C SER B 71 5.00 -9.11 -15.69
N VAL B 72 4.74 -9.90 -16.73
CA VAL B 72 3.92 -11.15 -16.64
C VAL B 72 4.49 -12.24 -17.56
N ASP B 73 4.27 -13.51 -17.22
CA ASP B 73 4.44 -14.68 -18.12
C ASP B 73 3.17 -15.53 -18.01
N LYS B 74 2.17 -15.13 -18.79
CA LYS B 74 0.79 -15.70 -18.87
C LYS B 74 0.79 -17.23 -18.93
N SER B 75 1.85 -17.82 -19.51
CA SER B 75 1.96 -19.29 -19.80
C SER B 75 2.27 -20.09 -18.53
N ILE B 76 2.96 -19.48 -17.56
CA ILE B 76 3.25 -20.10 -16.23
C ILE B 76 2.49 -19.35 -15.11
N SER B 77 1.43 -18.60 -15.47
CA SER B 77 0.52 -17.91 -14.51
C SER B 77 1.36 -17.14 -13.47
N THR B 78 2.33 -16.33 -13.86
CA THR B 78 3.32 -15.70 -12.96
C THR B 78 3.42 -14.21 -13.26
N ALA B 79 3.32 -13.39 -12.21
CA ALA B 79 3.50 -11.93 -12.24
C ALA B 79 4.83 -11.64 -11.55
N TYR B 80 5.46 -10.53 -11.91
CA TYR B 80 6.87 -10.19 -11.60
C TYR B 80 6.94 -8.72 -11.19
N LEU B 81 7.79 -8.41 -10.25
CA LEU B 81 8.12 -7.01 -9.91
C LEU B 81 9.64 -6.90 -9.94
N GLN B 82 10.16 -5.86 -10.61
CA GLN B 82 11.56 -5.80 -11.10
C GLN B 82 12.15 -4.42 -10.83
N TRP B 83 13.32 -4.41 -10.19
CA TRP B 83 14.19 -3.20 -10.05
C TRP B 83 15.45 -3.48 -10.86
N SER B 84 16.03 -2.47 -11.52
CA SER B 84 17.35 -2.57 -12.21
C SER B 84 18.48 -2.17 -11.23
N SER B 85 18.24 -1.20 -10.35
CA SER B 85 19.18 -0.80 -9.27
C SER B 85 18.45 -0.59 -7.91
N LEU B 86 18.51 -1.58 -7.00
CA LEU B 86 17.91 -1.49 -5.63
C LEU B 86 18.61 -0.39 -4.84
N LYS B 87 17.83 0.42 -4.10
CA LYS B 87 18.29 1.22 -2.92
C LYS B 87 17.97 0.46 -1.63
N ALA B 88 18.66 0.82 -0.55
CA ALA B 88 18.40 0.36 0.83
C ALA B 88 16.93 0.67 1.20
N SER B 89 16.38 1.78 0.69
CA SER B 89 15.02 2.30 0.97
C SER B 89 13.93 1.41 0.34
N ASP B 90 14.32 0.46 -0.52
CA ASP B 90 13.44 -0.59 -1.09
C ASP B 90 13.28 -1.78 -0.13
N THR B 91 13.99 -1.81 1.00
CA THR B 91 13.80 -2.86 2.04
C THR B 91 12.32 -2.85 2.50
N ALA B 92 11.60 -3.97 2.35
CA ALA B 92 10.17 -4.02 2.67
C ALA B 92 9.66 -5.44 2.50
N MET B 93 8.44 -5.67 2.97
CA MET B 93 7.63 -6.81 2.52
C MET B 93 6.89 -6.32 1.27
N TYR B 94 6.83 -7.18 0.26
CA TYR B 94 6.11 -6.93 -0.99
C TYR B 94 5.03 -8.00 -1.13
N TYR B 95 3.77 -7.58 -1.21
CA TYR B 95 2.64 -8.51 -1.40
C TYR B 95 2.16 -8.36 -2.84
N CYS B 96 1.93 -9.46 -3.56
CA CYS B 96 1.09 -9.43 -4.77
C CYS B 96 -0.37 -9.57 -4.31
N ALA B 97 -1.27 -8.94 -5.03
CA ALA B 97 -2.71 -9.00 -4.72
C ALA B 97 -3.45 -9.01 -6.04
N ARG B 98 -4.40 -9.93 -6.20
CA ARG B 98 -5.32 -9.99 -7.35
C ARG B 98 -6.25 -8.78 -7.28
N HIS B 99 -6.53 -8.13 -8.40
CA HIS B 99 -7.45 -6.95 -8.48
C HIS B 99 -8.61 -7.27 -9.42
N PRO B 100 -9.56 -8.12 -8.99
CA PRO B 100 -10.83 -8.22 -9.69
C PRO B 100 -11.42 -6.82 -9.85
N ILE B 101 -12.26 -6.65 -10.87
CA ILE B 101 -13.11 -5.44 -11.00
C ILE B 101 -14.33 -5.69 -10.12
N HIS B 102 -14.53 -4.84 -9.10
CA HIS B 102 -15.79 -4.77 -8.33
C HIS B 102 -16.70 -3.69 -8.92
N GLY B 103 -17.95 -3.68 -8.48
CA GLY B 103 -18.95 -2.71 -8.92
C GLY B 103 -19.30 -2.96 -10.37
N TYR B 104 -19.95 -1.99 -11.00
CA TYR B 104 -20.76 -2.15 -12.23
C TYR B 104 -20.80 -0.76 -12.88
N GLY B 105 -20.60 -0.68 -14.19
CA GLY B 105 -20.54 0.59 -14.93
C GLY B 105 -19.63 1.60 -14.25
N SER B 106 -20.15 2.78 -13.92
CA SER B 106 -19.39 3.96 -13.42
C SER B 106 -18.79 3.65 -12.03
N GLY B 107 -19.34 2.69 -11.29
CA GLY B 107 -18.86 2.26 -9.97
C GLY B 107 -17.75 1.22 -10.05
N SER B 108 -17.46 0.70 -11.25
CA SER B 108 -16.38 -0.27 -11.54
C SER B 108 -15.03 0.29 -11.09
N LEU B 109 -14.31 -0.46 -10.27
CA LEU B 109 -12.94 -0.12 -9.81
C LEU B 109 -12.12 -1.40 -9.69
N TYR B 110 -10.81 -1.29 -9.95
CA TYR B 110 -9.82 -2.35 -9.64
C TYR B 110 -9.68 -2.43 -8.11
N ASN B 111 -9.74 -3.64 -7.56
CA ASN B 111 -9.96 -3.84 -6.10
C ASN B 111 -9.19 -5.06 -5.63
N PRO B 112 -8.22 -4.93 -4.69
CA PRO B 112 -7.50 -6.08 -4.14
C PRO B 112 -8.46 -7.06 -3.46
N ASP B 113 -8.35 -8.35 -3.71
CA ASP B 113 -9.14 -9.37 -2.97
C ASP B 113 -8.19 -10.37 -2.28
N TYR B 114 -7.53 -11.25 -3.03
CA TYR B 114 -6.62 -12.28 -2.49
C TYR B 114 -5.21 -11.72 -2.54
N TRP B 115 -4.45 -12.03 -1.50
CA TRP B 115 -3.05 -11.59 -1.32
C TRP B 115 -2.16 -12.82 -1.28
N GLY B 116 -0.91 -12.69 -1.71
CA GLY B 116 0.12 -13.73 -1.48
C GLY B 116 0.65 -13.60 -0.05
N GLN B 117 1.57 -14.48 0.34
CA GLN B 117 2.13 -14.59 1.72
C GLN B 117 3.15 -13.49 1.96
N GLY B 118 3.62 -12.84 0.89
CA GLY B 118 4.62 -11.77 1.00
C GLY B 118 6.03 -12.26 0.68
N THR B 119 6.89 -11.34 0.26
CA THR B 119 8.30 -11.59 -0.11
C THR B 119 9.14 -10.50 0.56
N LEU B 120 9.96 -10.88 1.53
CA LEU B 120 10.83 -9.94 2.26
C LEU B 120 12.07 -9.68 1.39
N VAL B 121 12.33 -8.42 1.17
CA VAL B 121 13.46 -7.92 0.36
C VAL B 121 14.28 -7.06 1.32
N THR B 122 15.49 -7.53 1.60
CA THR B 122 16.43 -6.91 2.55
C THR B 122 17.63 -6.45 1.74
N VAL B 123 17.82 -5.13 1.69
CA VAL B 123 18.85 -4.44 0.88
C VAL B 123 19.71 -3.62 1.84
N SER B 124 20.94 -4.07 2.03
CA SER B 124 21.95 -3.50 2.97
C SER B 124 23.33 -3.52 2.30
N SER B 125 24.08 -2.43 2.46
CA SER B 125 25.50 -2.30 2.02
C SER B 125 26.46 -2.55 3.18
N ALA B 126 26.00 -3.06 4.32
CA ALA B 126 26.80 -3.31 5.55
C ALA B 126 27.43 -4.70 5.50
N SER B 127 28.55 -4.88 6.19
CA SER B 127 29.18 -6.20 6.37
C SER B 127 29.46 -6.47 7.85
N THR B 128 29.73 -7.73 8.14
CA THR B 128 29.95 -8.24 9.49
C THR B 128 30.78 -7.20 10.24
N LYS B 129 30.24 -6.75 11.37
CA LYS B 129 30.96 -5.81 12.25
C LYS B 129 30.49 -6.13 13.67
N GLY B 130 31.45 -6.43 14.53
CA GLY B 130 31.21 -6.62 15.96
C GLY B 130 30.88 -5.27 16.59
N PRO B 131 30.20 -5.28 17.76
CA PRO B 131 29.75 -4.05 18.39
C PRO B 131 30.85 -3.35 19.19
N SER B 132 30.77 -2.03 19.29
CA SER B 132 31.42 -1.24 20.35
C SER B 132 30.42 -1.12 21.52
N VAL B 133 30.87 -1.40 22.73
CA VAL B 133 30.06 -1.49 23.95
C VAL B 133 30.50 -0.37 24.89
N PHE B 134 29.56 0.50 25.27
CA PHE B 134 29.75 1.64 26.19
C PHE B 134 28.92 1.40 27.45
N PRO B 135 29.45 1.70 28.65
CA PRO B 135 28.69 1.58 29.87
C PRO B 135 27.68 2.74 30.01
N LEU B 136 26.48 2.42 30.48
CA LEU B 136 25.46 3.41 30.89
C LEU B 136 25.49 3.43 32.42
N ALA B 137 26.35 4.28 32.97
CA ALA B 137 26.63 4.36 34.42
C ALA B 137 25.36 4.74 35.17
N PRO B 138 25.12 4.14 36.35
CA PRO B 138 24.03 4.59 37.22
C PRO B 138 24.44 5.87 37.97
N SER B 139 23.44 6.60 38.50
CA SER B 139 23.54 7.81 39.37
C SER B 139 23.65 9.07 38.50
N GLY B 146 14.84 2.90 46.19
CA GLY B 146 16.26 2.65 46.45
C GLY B 146 16.84 1.67 45.45
N THR B 147 16.41 1.74 44.20
CA THR B 147 16.97 0.99 43.05
C THR B 147 17.66 1.96 42.09
N ALA B 148 18.71 1.51 41.41
CA ALA B 148 19.43 2.27 40.35
C ALA B 148 19.38 1.47 39.05
N ALA B 149 19.17 2.19 37.93
CA ALA B 149 19.20 1.65 36.55
C ALA B 149 20.64 1.74 36.02
N LEU B 150 21.24 0.65 35.55
CA LEU B 150 22.52 0.80 34.80
C LEU B 150 22.42 -0.05 33.53
N GLY B 151 23.27 0.21 32.55
CA GLY B 151 23.19 -0.56 31.29
C GLY B 151 24.47 -0.63 30.49
N CYS B 152 24.30 -1.16 29.27
CA CYS B 152 25.26 -1.23 28.15
C CYS B 152 24.56 -0.75 26.88
N LEU B 153 25.22 0.18 26.20
CA LEU B 153 24.89 0.57 24.82
C LEU B 153 25.80 -0.24 23.89
N VAL B 154 25.19 -1.05 23.05
CA VAL B 154 25.81 -1.95 22.05
C VAL B 154 25.68 -1.27 20.70
N LYS B 155 26.76 -0.63 20.23
CA LYS B 155 26.74 0.32 19.11
C LYS B 155 27.32 -0.34 17.85
N ASP B 156 26.68 -0.10 16.70
CA ASP B 156 27.32 -0.23 15.36
C ASP B 156 27.69 -1.69 15.07
N TYR B 157 26.74 -2.61 15.12
CA TYR B 157 27.01 -4.02 14.79
C TYR B 157 26.21 -4.45 13.55
N PHE B 158 26.63 -5.56 12.95
CA PHE B 158 25.97 -6.21 11.80
C PHE B 158 26.45 -7.64 11.63
N PRO B 159 25.59 -8.60 11.28
CA PRO B 159 24.14 -8.40 11.24
C PRO B 159 23.55 -8.66 12.62
N GLU B 160 22.23 -8.85 12.68
CA GLU B 160 21.52 -9.37 13.87
C GLU B 160 21.87 -10.86 13.99
N PRO B 161 21.79 -11.48 15.17
CA PRO B 161 21.47 -10.78 16.41
C PRO B 161 22.66 -10.63 17.37
N VAL B 162 22.44 -9.83 18.40
CA VAL B 162 23.24 -9.74 19.64
C VAL B 162 22.39 -10.33 20.76
N THR B 163 22.99 -11.01 21.73
CA THR B 163 22.34 -11.35 23.01
C THR B 163 23.14 -10.73 24.14
N VAL B 164 22.45 -10.43 25.22
CA VAL B 164 23.08 -9.77 26.37
C VAL B 164 22.65 -10.53 27.61
N SER B 165 23.61 -10.88 28.45
CA SER B 165 23.35 -11.35 29.82
C SER B 165 24.09 -10.41 30.77
N TRP B 166 23.89 -10.55 32.07
CA TRP B 166 24.50 -9.74 33.14
C TRP B 166 25.13 -10.67 34.16
N ASN B 167 26.34 -10.34 34.62
CA ASN B 167 27.16 -11.15 35.56
C ASN B 167 27.13 -12.63 35.16
N SER B 168 27.25 -12.92 33.88
CA SER B 168 27.38 -14.29 33.33
C SER B 168 26.14 -15.11 33.72
N GLY B 169 24.97 -14.48 33.79
CA GLY B 169 23.69 -15.17 34.09
C GLY B 169 23.33 -15.19 35.56
N ALA B 170 24.25 -14.81 36.46
CA ALA B 170 23.94 -14.69 37.90
C ALA B 170 22.83 -13.65 38.12
N LEU B 171 22.60 -12.77 37.15
CA LEU B 171 21.66 -11.62 37.29
C LEU B 171 20.67 -11.66 36.15
N THR B 172 19.41 -12.03 36.45
CA THR B 172 18.32 -12.14 35.46
C THR B 172 17.12 -11.26 35.82
N SER B 173 16.89 -10.98 37.09
CA SER B 173 15.76 -10.12 37.55
C SER B 173 16.14 -8.66 37.41
N GLY B 174 15.22 -7.84 36.94
CA GLY B 174 15.47 -6.44 36.59
C GLY B 174 16.09 -6.27 35.20
N VAL B 175 16.42 -7.37 34.49
CA VAL B 175 17.12 -7.31 33.18
C VAL B 175 16.08 -7.09 32.10
N HIS B 176 16.28 -6.04 31.31
CA HIS B 176 15.51 -5.70 30.10
C HIS B 176 16.50 -5.36 28.98
N THR B 177 16.62 -6.27 28.01
CA THR B 177 17.40 -6.05 26.77
C THR B 177 16.42 -5.63 25.69
N PHE B 178 16.64 -4.49 25.06
CA PHE B 178 15.74 -3.86 24.09
C PHE B 178 16.11 -4.30 22.68
N PRO B 179 15.10 -4.48 21.80
CA PRO B 179 15.32 -4.74 20.38
C PRO B 179 16.04 -3.56 19.73
N ALA B 180 16.86 -3.89 18.75
CA ALA B 180 17.85 -3.02 18.12
C ALA B 180 17.16 -1.99 17.25
N VAL B 181 17.77 -0.83 17.11
CA VAL B 181 17.42 0.14 16.04
C VAL B 181 18.36 -0.14 14.86
N LEU B 182 17.83 -0.01 13.64
CA LEU B 182 18.61 0.05 12.38
C LEU B 182 18.87 1.52 12.05
N GLN B 183 20.13 1.97 12.17
CA GLN B 183 20.58 3.35 11.84
C GLN B 183 20.61 3.50 10.31
N SER B 184 20.84 4.73 9.82
CA SER B 184 20.91 5.11 8.38
C SER B 184 22.13 4.44 7.74
N SER B 185 23.20 4.29 8.52
CA SER B 185 24.47 3.63 8.11
C SER B 185 24.26 2.16 7.69
N GLY B 186 23.15 1.53 8.08
CA GLY B 186 22.91 0.07 7.91
C GLY B 186 23.40 -0.74 9.10
N LEU B 187 23.97 -0.08 10.10
CA LEU B 187 24.46 -0.80 11.32
C LEU B 187 23.34 -0.76 12.37
N TYR B 188 23.37 -1.69 13.31
CA TYR B 188 22.38 -1.78 14.40
C TYR B 188 23.00 -1.25 15.69
N SER B 189 22.15 -0.82 16.61
CA SER B 189 22.53 -0.54 18.02
C SER B 189 21.43 -1.11 18.93
N LEU B 190 21.75 -1.56 20.13
CA LEU B 190 20.70 -1.87 21.12
C LEU B 190 21.20 -1.58 22.51
N SER B 191 20.30 -1.54 23.49
CA SER B 191 20.64 -1.26 24.90
C SER B 191 20.09 -2.38 25.76
N SER B 192 20.84 -2.74 26.80
CA SER B 192 20.37 -3.61 27.89
C SER B 192 20.52 -2.85 29.22
N VAL B 193 19.51 -2.89 30.08
CA VAL B 193 19.45 -2.13 31.37
C VAL B 193 19.14 -3.15 32.48
N VAL B 194 19.73 -2.96 33.63
CA VAL B 194 19.39 -3.81 34.81
C VAL B 194 19.13 -2.86 35.96
N THR B 195 18.08 -3.14 36.72
CA THR B 195 17.69 -2.36 37.93
C THR B 195 18.20 -3.14 39.13
N VAL B 196 18.98 -2.49 39.98
CA VAL B 196 19.62 -3.14 41.14
C VAL B 196 19.53 -2.23 42.36
N PRO B 197 19.66 -2.76 43.60
CA PRO B 197 19.69 -1.90 44.79
C PRO B 197 20.80 -0.85 44.71
N SER B 198 20.47 0.41 45.02
CA SER B 198 21.45 1.51 45.10
C SER B 198 22.58 1.19 46.09
N SER B 199 22.29 0.46 47.20
CA SER B 199 23.27 0.08 48.26
C SER B 199 24.35 -0.87 47.71
N SER B 200 24.01 -1.68 46.69
CA SER B 200 24.94 -2.63 46.05
C SER B 200 25.99 -1.89 45.22
N LEU B 201 25.82 -0.61 44.85
CA LEU B 201 26.73 0.04 43.86
C LEU B 201 28.20 0.08 44.34
N GLY B 202 28.46 0.34 45.62
CA GLY B 202 29.82 0.25 46.21
C GLY B 202 30.42 -1.15 46.07
N THR B 203 29.62 -2.19 46.33
CA THR B 203 30.05 -3.57 46.73
C THR B 203 30.08 -4.49 45.49
N GLN B 204 28.99 -4.60 44.73
CA GLN B 204 28.87 -5.56 43.60
C GLN B 204 29.44 -4.98 42.29
N THR B 205 30.25 -5.78 41.60
CA THR B 205 30.64 -5.60 40.19
C THR B 205 29.45 -5.98 39.30
N TYR B 206 29.16 -5.17 38.29
CA TYR B 206 28.15 -5.39 37.23
C TYR B 206 28.86 -5.42 35.88
N ILE B 207 28.64 -6.51 35.15
CA ILE B 207 29.29 -6.76 33.85
C ILE B 207 28.19 -7.22 32.92
N CYS B 208 28.00 -6.53 31.81
CA CYS B 208 27.11 -7.00 30.75
C CYS B 208 27.94 -7.83 29.75
N ASN B 209 27.44 -9.01 29.43
CA ASN B 209 28.07 -10.00 28.53
C ASN B 209 27.36 -9.89 27.20
N VAL B 210 27.98 -9.23 26.24
CA VAL B 210 27.41 -9.00 24.88
C VAL B 210 27.95 -10.06 23.92
N ASN B 211 27.06 -10.90 23.40
CA ASN B 211 27.46 -11.98 22.48
C ASN B 211 26.97 -11.60 21.08
N HIS B 212 27.91 -11.46 20.13
CA HIS B 212 27.63 -11.32 18.68
C HIS B 212 28.26 -12.51 17.93
N LYS B 213 27.60 -13.68 17.97
CA LYS B 213 28.07 -14.92 17.30
C LYS B 213 28.52 -14.68 15.85
N PRO B 214 27.88 -13.83 15.04
CA PRO B 214 28.27 -13.68 13.64
C PRO B 214 29.64 -13.03 13.37
N SER B 215 30.22 -12.32 14.34
CA SER B 215 31.63 -11.82 14.31
C SER B 215 32.52 -12.67 15.23
N ASN B 216 31.95 -13.70 15.87
CA ASN B 216 32.65 -14.56 16.86
C ASN B 216 33.19 -13.69 18.02
N THR B 217 32.49 -12.61 18.35
CA THR B 217 32.92 -11.59 19.35
C THR B 217 32.01 -11.65 20.57
N LYS B 218 32.60 -11.83 21.75
CA LYS B 218 31.93 -11.63 23.04
C LYS B 218 32.66 -10.47 23.75
N VAL B 219 31.92 -9.46 24.22
CA VAL B 219 32.50 -8.35 25.04
C VAL B 219 31.85 -8.39 26.41
N ASP B 220 32.64 -8.52 27.48
CA ASP B 220 32.19 -8.39 28.89
C ASP B 220 32.59 -7.02 29.42
N LYS B 221 31.63 -6.07 29.48
CA LYS B 221 31.91 -4.64 29.81
C LYS B 221 31.56 -4.38 31.26
N LYS B 222 32.54 -4.01 32.06
CA LYS B 222 32.31 -3.57 33.44
C LYS B 222 31.60 -2.22 33.41
N VAL B 223 30.53 -2.09 34.18
CA VAL B 223 29.74 -0.84 34.32
C VAL B 223 29.91 -0.34 35.74
N GLU B 224 30.60 0.78 35.91
CA GLU B 224 30.94 1.37 37.24
C GLU B 224 30.05 2.58 37.48
N PRO B 225 29.70 2.89 38.74
CA PRO B 225 29.12 4.20 39.04
C PRO B 225 30.08 5.35 38.70
N LYS B 226 29.52 6.45 38.20
CA LYS B 226 30.28 7.67 37.80
C LYS B 226 30.64 8.46 39.07
N SER B 227 31.78 9.15 39.08
CA SER B 227 32.20 10.09 40.17
C SER B 227 31.87 11.53 39.76
N SER C 2 -2.68 11.91 -2.06
CA SER C 2 -4.04 11.93 -1.40
C SER C 2 -4.16 10.77 -0.41
N VAL C 3 -4.56 11.07 0.82
CA VAL C 3 -4.44 10.16 1.99
C VAL C 3 -5.85 9.87 2.50
N LEU C 4 -6.09 8.61 2.87
CA LEU C 4 -7.25 8.19 3.67
C LEU C 4 -6.77 8.20 5.12
N THR C 5 -7.26 9.09 5.97
CA THR C 5 -6.71 9.22 7.34
C THR C 5 -7.53 8.31 8.27
N GLN C 6 -6.83 7.52 9.07
CA GLN C 6 -7.41 6.66 10.12
C GLN C 6 -6.76 7.03 11.44
N PRO C 7 -7.48 6.87 12.59
CA PRO C 7 -6.87 6.98 13.90
C PRO C 7 -5.74 5.95 14.03
N PRO C 8 -4.57 6.32 14.59
CA PRO C 8 -3.46 5.35 14.66
C PRO C 8 -3.86 4.10 15.46
N SER C 9 -4.71 4.23 16.46
CA SER C 9 -4.96 3.10 17.35
C SER C 9 -6.31 3.24 18.06
N VAL C 10 -6.98 2.10 18.29
CA VAL C 10 -8.23 2.01 19.11
C VAL C 10 -8.10 0.75 19.97
N SER C 11 -8.73 0.77 21.13
CA SER C 11 -8.74 -0.39 22.05
C SER C 11 -10.06 -0.46 22.79
N ALA C 12 -10.44 -1.66 23.21
CA ALA C 12 -11.58 -1.90 24.11
C ALA C 12 -11.41 -3.29 24.70
N ALA C 13 -12.23 -3.62 25.70
CA ALA C 13 -12.26 -4.91 26.43
C ALA C 13 -12.86 -5.98 25.51
N PRO C 14 -12.53 -7.28 25.70
CA PRO C 14 -13.20 -8.35 24.98
C PRO C 14 -14.71 -8.18 25.14
N GLY C 15 -15.49 -8.28 24.07
CA GLY C 15 -16.96 -8.19 24.19
C GLY C 15 -17.48 -6.81 23.89
N GLN C 16 -16.63 -5.78 23.82
CA GLN C 16 -17.09 -4.40 23.53
C GLN C 16 -17.08 -4.18 22.03
N LYS C 17 -17.55 -3.00 21.60
CA LYS C 17 -17.57 -2.56 20.18
C LYS C 17 -16.45 -1.54 19.92
N VAL C 18 -15.82 -1.56 18.76
CA VAL C 18 -14.98 -0.42 18.32
C VAL C 18 -15.41 -0.03 16.92
N THR C 19 -15.19 1.23 16.58
CA THR C 19 -15.39 1.81 15.23
C THR C 19 -14.06 2.40 14.77
N ILE C 20 -13.76 2.25 13.48
CA ILE C 20 -12.57 2.82 12.81
C ILE C 20 -13.02 3.68 11.65
N SER C 21 -12.77 4.99 11.75
CA SER C 21 -13.11 5.99 10.72
C SER C 21 -12.01 6.04 9.67
N CYS C 22 -12.39 6.45 8.49
CA CYS C 22 -11.52 6.59 7.32
C CYS C 22 -12.10 7.79 6.57
N SER C 23 -11.39 8.92 6.62
N SER C 23 -11.41 8.93 6.63
CA SER C 23 -11.76 10.20 5.95
CA SER C 23 -11.82 10.18 5.93
C SER C 23 -10.92 10.40 4.69
C SER C 23 -10.93 10.41 4.70
N GLY C 24 -11.55 10.70 3.57
CA GLY C 24 -10.84 11.08 2.32
C GLY C 24 -11.46 12.31 1.69
N SER C 25 -11.61 12.27 0.37
CA SER C 25 -12.09 13.39 -0.50
C SER C 25 -13.15 12.87 -1.48
N ASN C 26 -13.60 13.73 -2.39
CA ASN C 26 -14.61 13.38 -3.42
C ASN C 26 -13.97 12.51 -4.52
N SER C 27 -12.66 12.59 -4.77
CA SER C 27 -11.98 11.73 -5.78
C SER C 27 -11.89 10.25 -5.34
N ASN C 28 -11.99 9.93 -4.04
CA ASN C 28 -11.76 8.54 -3.53
C ASN C 28 -13.03 8.03 -2.86
N ILE C 29 -13.18 8.15 -1.53
CA ILE C 29 -14.32 7.57 -0.75
C ILE C 29 -15.67 8.11 -1.24
N GLY C 30 -15.75 9.42 -1.52
CA GLY C 30 -16.95 10.12 -2.05
C GLY C 30 -17.59 9.41 -3.25
N ILE C 31 -16.81 8.91 -4.21
CA ILE C 31 -17.32 8.38 -5.51
C ILE C 31 -17.29 6.86 -5.51
N ASN C 32 -16.33 6.26 -4.80
CA ASN C 32 -15.89 4.87 -5.09
C ASN C 32 -16.16 3.94 -3.89
N TYR C 33 -16.28 2.67 -4.19
CA TYR C 33 -16.46 1.57 -3.21
C TYR C 33 -15.24 1.47 -2.28
N VAL C 34 -15.50 1.44 -0.97
CA VAL C 34 -14.47 1.32 0.09
C VAL C 34 -14.35 -0.15 0.46
N SER C 35 -13.12 -0.61 0.64
CA SER C 35 -12.78 -1.96 1.14
C SER C 35 -12.03 -1.84 2.46
N TRP C 36 -12.12 -2.86 3.31
CA TRP C 36 -11.27 -2.96 4.53
C TRP C 36 -10.46 -4.26 4.50
N TYR C 37 -9.23 -4.15 5.00
CA TYR C 37 -8.21 -5.22 5.03
C TYR C 37 -7.77 -5.39 6.47
N GLN C 38 -7.76 -6.64 6.93
CA GLN C 38 -7.26 -6.99 8.27
C GLN C 38 -5.86 -7.55 8.11
N GLN C 39 -4.90 -7.02 8.87
CA GLN C 39 -3.54 -7.62 8.88
C GLN C 39 -3.19 -8.07 10.31
N LEU C 40 -3.25 -9.36 10.58
CA LEU C 40 -2.83 -9.90 11.89
C LEU C 40 -1.31 -9.77 11.98
N PRO C 41 -0.74 -9.63 13.20
CA PRO C 41 0.72 -9.57 13.34
C PRO C 41 1.37 -10.70 12.52
N GLU C 42 2.38 -10.33 11.73
CA GLU C 42 3.26 -11.22 10.92
C GLU C 42 2.47 -12.06 9.90
N THR C 43 1.43 -11.49 9.29
CA THR C 43 0.64 -12.18 8.24
C THR C 43 0.34 -11.22 7.09
N ALA C 44 -0.14 -11.76 5.98
CA ALA C 44 -0.60 -10.98 4.82
C ALA C 44 -1.92 -10.30 5.18
N PRO C 45 -2.19 -9.11 4.62
CA PRO C 45 -3.53 -8.54 4.70
C PRO C 45 -4.53 -9.54 4.15
N LYS C 46 -5.77 -9.40 4.58
CA LYS C 46 -6.92 -10.24 4.14
C LYS C 46 -8.11 -9.29 3.92
N LEU C 47 -8.85 -9.47 2.85
CA LEU C 47 -10.09 -8.69 2.59
C LEU C 47 -11.10 -9.02 3.68
N LEU C 48 -11.64 -7.99 4.30
CA LEU C 48 -12.61 -8.09 5.42
C LEU C 48 -13.94 -7.56 4.95
N ILE C 49 -13.92 -6.45 4.20
CA ILE C 49 -15.14 -5.80 3.68
C ILE C 49 -14.83 -5.32 2.26
N TYR C 50 -15.80 -5.41 1.35
CA TYR C 50 -15.71 -4.85 -0.03
C TYR C 50 -17.06 -4.22 -0.35
N GLU C 51 -17.12 -3.43 -1.43
CA GLU C 51 -18.31 -2.66 -1.87
C GLU C 51 -18.99 -2.03 -0.64
N ASN C 52 -18.22 -1.24 0.12
CA ASN C 52 -18.62 -0.48 1.33
C ASN C 52 -18.95 -1.38 2.53
N ASN C 53 -19.70 -2.48 2.35
CA ASN C 53 -20.45 -3.17 3.45
C ASN C 53 -20.68 -4.67 3.18
N GLN C 54 -20.01 -5.26 2.21
CA GLN C 54 -20.18 -6.70 1.85
C GLN C 54 -19.08 -7.46 2.56
N ARG C 55 -19.41 -8.65 3.09
CA ARG C 55 -18.43 -9.52 3.78
C ARG C 55 -18.10 -10.69 2.86
N PRO C 56 -16.81 -10.97 2.58
CA PRO C 56 -16.45 -12.22 1.91
C PRO C 56 -16.92 -13.38 2.79
N SER C 57 -17.23 -14.51 2.15
CA SER C 57 -17.47 -15.81 2.82
C SER C 57 -16.38 -16.03 3.87
N GLY C 58 -16.78 -16.32 5.11
CA GLY C 58 -15.87 -16.67 6.21
C GLY C 58 -15.61 -15.51 7.15
N ILE C 59 -16.09 -14.30 6.80
CA ILE C 59 -15.92 -13.09 7.64
C ILE C 59 -17.21 -12.94 8.44
N PRO C 60 -17.13 -13.07 9.78
CA PRO C 60 -18.31 -12.97 10.65
C PRO C 60 -19.02 -11.62 10.60
N ASP C 61 -20.34 -11.63 10.84
CA ASP C 61 -21.23 -10.43 10.83
C ASP C 61 -20.96 -9.48 12.00
N ARG C 62 -20.04 -9.81 12.92
CA ARG C 62 -19.47 -8.89 13.95
C ARG C 62 -18.80 -7.70 13.24
N PHE C 63 -18.27 -7.96 12.04
CA PHE C 63 -17.62 -6.94 11.16
C PHE C 63 -18.69 -6.37 10.24
N SER C 64 -18.81 -5.05 10.26
CA SER C 64 -19.78 -4.27 9.44
C SER C 64 -19.02 -3.07 8.89
N GLY C 65 -19.39 -2.64 7.70
CA GLY C 65 -18.89 -1.42 7.06
C GLY C 65 -20.03 -0.50 6.67
N SER C 66 -19.75 0.80 6.68
CA SER C 66 -20.63 1.85 6.17
C SER C 66 -19.77 2.99 5.59
N LYS C 67 -20.38 3.74 4.68
CA LYS C 67 -19.81 4.92 4.01
C LYS C 67 -20.89 6.02 3.96
N SER C 68 -20.49 7.24 4.29
CA SER C 68 -21.34 8.45 4.26
C SER C 68 -20.47 9.63 3.85
N GLY C 69 -20.76 10.25 2.71
CA GLY C 69 -19.99 11.38 2.18
C GLY C 69 -18.58 10.95 1.79
N THR C 70 -17.57 11.57 2.37
CA THR C 70 -16.14 11.25 2.10
C THR C 70 -15.52 10.51 3.31
N SER C 71 -16.34 9.87 4.15
CA SER C 71 -15.80 9.06 5.28
C SER C 71 -16.48 7.69 5.32
N ALA C 72 -15.70 6.64 5.60
CA ALA C 72 -16.16 5.25 5.77
C ALA C 72 -15.89 4.83 7.21
N THR C 73 -16.61 3.82 7.69
CA THR C 73 -16.45 3.33 9.07
C THR C 73 -16.47 1.80 9.06
N LEU C 74 -15.58 1.22 9.85
CA LEU C 74 -15.60 -0.23 10.18
C LEU C 74 -16.01 -0.37 11.63
N GLY C 75 -17.01 -1.19 11.89
CA GLY C 75 -17.41 -1.56 13.25
C GLY C 75 -17.08 -3.01 13.51
N ILE C 76 -16.59 -3.28 14.71
CA ILE C 76 -16.31 -4.65 15.25
C ILE C 76 -17.04 -4.77 16.59
N THR C 77 -18.10 -5.57 16.64
CA THR C 77 -18.86 -5.90 17.87
C THR C 77 -18.28 -7.18 18.46
N GLY C 78 -18.52 -7.43 19.74
CA GLY C 78 -18.09 -8.68 20.40
C GLY C 78 -16.62 -8.93 20.17
N LEU C 79 -15.79 -7.89 20.40
CA LEU C 79 -14.33 -7.89 20.21
C LEU C 79 -13.73 -9.09 20.92
N GLN C 80 -12.87 -9.80 20.21
CA GLN C 80 -12.26 -11.06 20.59
C GLN C 80 -10.76 -10.88 20.41
N THR C 81 -9.95 -11.62 21.17
CA THR C 81 -8.46 -11.68 21.08
C THR C 81 -7.96 -11.67 19.63
N GLY C 82 -8.53 -12.54 18.82
CA GLY C 82 -8.20 -12.74 17.39
C GLY C 82 -8.40 -11.49 16.55
N ASP C 83 -9.09 -10.45 17.05
CA ASP C 83 -9.41 -9.21 16.30
C ASP C 83 -8.25 -8.22 16.35
N GLU C 84 -7.30 -8.45 17.23
CA GLU C 84 -6.13 -7.60 17.45
C GLU C 84 -5.25 -7.67 16.20
N ALA C 85 -5.15 -6.54 15.49
CA ALA C 85 -4.68 -6.49 14.10
C ALA C 85 -4.56 -5.05 13.67
N ASP C 86 -3.86 -4.85 12.56
CA ASP C 86 -3.92 -3.57 11.81
C ASP C 86 -5.06 -3.69 10.79
N TYR C 87 -5.88 -2.67 10.74
CA TYR C 87 -6.98 -2.53 9.78
C TYR C 87 -6.71 -1.32 8.86
N TYR C 88 -6.90 -1.50 7.58
CA TYR C 88 -6.66 -0.48 6.53
C TYR C 88 -7.93 -0.40 5.70
N CYS C 89 -8.51 0.78 5.56
CA CYS C 89 -9.47 1.04 4.45
C CYS C 89 -8.67 1.19 3.15
N GLY C 90 -9.38 1.11 2.04
CA GLY C 90 -8.87 1.42 0.70
C GLY C 90 -9.99 1.75 -0.25
N THR C 91 -9.64 2.42 -1.33
CA THR C 91 -10.52 2.62 -2.49
C THR C 91 -9.64 3.06 -3.65
N TRP C 92 -10.25 3.18 -4.82
CA TRP C 92 -9.62 3.79 -6.01
C TRP C 92 -9.79 5.30 -5.92
N ASP C 93 -8.71 6.05 -6.11
CA ASP C 93 -8.74 7.51 -6.26
C ASP C 93 -8.85 7.84 -7.76
N THR C 94 -10.02 8.29 -8.20
CA THR C 94 -10.37 8.53 -9.62
C THR C 94 -9.41 9.53 -10.24
N SER C 95 -9.10 10.58 -9.50
CA SER C 95 -8.20 11.70 -9.91
C SER C 95 -6.75 11.21 -10.01
N LEU C 96 -6.31 10.28 -9.15
CA LEU C 96 -4.88 9.85 -9.11
C LEU C 96 -4.65 8.74 -10.12
N GLY C 97 -5.70 8.02 -10.50
CA GLY C 97 -5.56 6.75 -11.24
C GLY C 97 -4.69 5.75 -10.49
N ALA C 98 -5.00 5.57 -9.22
CA ALA C 98 -4.28 4.65 -8.32
C ALA C 98 -5.20 4.19 -7.20
N TYR C 99 -5.04 2.95 -6.78
CA TYR C 99 -5.61 2.44 -5.51
C TYR C 99 -4.84 3.08 -4.36
N VAL C 100 -5.55 3.43 -3.30
CA VAL C 100 -4.97 4.05 -2.07
C VAL C 100 -5.45 3.28 -0.84
N PHE C 101 -4.52 2.95 0.04
CA PHE C 101 -4.81 2.36 1.38
C PHE C 101 -4.77 3.45 2.45
N GLY C 102 -5.64 3.37 3.43
CA GLY C 102 -5.64 4.27 4.61
C GLY C 102 -4.33 4.14 5.39
N THR C 103 -4.11 5.05 6.36
CA THR C 103 -2.86 5.11 7.16
C THR C 103 -2.80 3.92 8.13
N GLY C 104 -3.92 3.23 8.38
CA GLY C 104 -3.97 1.98 9.16
C GLY C 104 -4.29 2.24 10.64
N THR C 105 -5.07 1.36 11.26
CA THR C 105 -5.38 1.46 12.70
C THR C 105 -4.98 0.16 13.41
N LYS C 106 -4.29 0.31 14.52
CA LYS C 106 -3.94 -0.81 15.43
C LYS C 106 -5.13 -0.97 16.37
N VAL C 107 -5.81 -2.11 16.34
CA VAL C 107 -6.85 -2.43 17.35
C VAL C 107 -6.16 -3.25 18.45
N THR C 108 -6.33 -2.86 19.70
CA THR C 108 -5.82 -3.61 20.89
C THR C 108 -7.03 -4.15 21.62
N VAL C 109 -7.08 -5.48 21.84
CA VAL C 109 -8.14 -6.10 22.68
C VAL C 109 -7.64 -6.13 24.14
N LEU C 110 -8.18 -5.29 25.03
CA LEU C 110 -7.53 -4.97 26.32
C LEU C 110 -7.63 -6.18 27.24
N GLY C 111 -6.51 -6.83 27.55
CA GLY C 111 -6.44 -7.95 28.52
C GLY C 111 -5.83 -7.56 29.85
N GLN C 112 -5.59 -6.27 30.06
CA GLN C 112 -4.98 -5.74 31.29
C GLN C 112 -5.14 -4.23 31.31
N PRO C 113 -4.98 -3.57 32.46
CA PRO C 113 -5.09 -2.12 32.47
C PRO C 113 -4.06 -1.45 31.54
N LYS C 114 -4.48 -0.35 30.96
CA LYS C 114 -3.57 0.61 30.27
C LYS C 114 -2.43 0.96 31.23
N ALA C 115 -1.22 1.00 30.69
CA ALA C 115 0.03 1.22 31.45
C ALA C 115 0.84 2.26 30.70
N ALA C 116 1.22 3.31 31.39
CA ALA C 116 2.01 4.44 30.88
C ALA C 116 3.43 3.93 30.78
N PRO C 117 4.21 4.45 29.83
CA PRO C 117 5.60 4.03 29.70
C PRO C 117 6.40 4.37 30.95
N SER C 118 7.26 3.44 31.33
CA SER C 118 8.41 3.68 32.21
C SER C 118 9.56 4.11 31.27
N VAL C 119 10.16 5.27 31.53
CA VAL C 119 11.19 5.88 30.64
C VAL C 119 12.50 6.03 31.41
N THR C 120 13.61 5.55 30.86
CA THR C 120 14.96 5.81 31.41
C THR C 120 15.81 6.45 30.32
N LEU C 121 16.44 7.56 30.67
CA LEU C 121 17.18 8.41 29.73
C LEU C 121 18.61 8.46 30.24
N PHE C 122 19.54 7.92 29.47
CA PHE C 122 21.00 7.90 29.76
C PHE C 122 21.66 8.98 28.93
N PRO C 123 22.54 9.78 29.56
CA PRO C 123 23.41 10.68 28.81
C PRO C 123 24.52 9.87 28.13
N PRO C 124 25.28 10.50 27.22
CA PRO C 124 26.45 9.88 26.61
C PRO C 124 27.43 9.51 27.72
N SER C 125 28.04 8.34 27.59
CA SER C 125 29.08 7.88 28.53
C SER C 125 30.30 8.77 28.32
N SER C 126 31.17 8.91 29.32
CA SER C 126 32.46 9.64 29.12
C SER C 126 33.32 8.89 28.08
N GLU C 127 33.23 7.57 28.07
N GLU C 127 33.28 7.55 28.03
CA GLU C 127 33.93 6.66 27.11
CA GLU C 127 34.06 6.77 27.03
C GLU C 127 33.55 7.06 25.66
C GLU C 127 33.58 7.11 25.60
N GLU C 128 32.27 7.29 25.38
CA GLU C 128 31.77 7.63 24.02
C GLU C 128 32.20 9.08 23.70
N LEU C 129 32.16 10.01 24.66
CA LEU C 129 32.58 11.43 24.44
C LEU C 129 34.06 11.48 24.05
N GLN C 130 34.89 10.66 24.69
CA GLN C 130 36.33 10.49 24.37
C GLN C 130 36.54 9.85 23.00
N ALA C 131 35.56 9.13 22.46
CA ALA C 131 35.63 8.60 21.07
C ALA C 131 35.05 9.62 20.10
N ASN C 132 34.89 10.87 20.54
CA ASN C 132 34.28 11.99 19.77
C ASN C 132 32.84 11.68 19.28
N LYS C 133 32.04 10.89 20.00
CA LYS C 133 30.60 10.67 19.67
C LYS C 133 29.74 11.06 20.89
N ALA C 134 28.41 11.21 20.70
CA ALA C 134 27.43 11.46 21.78
C ALA C 134 26.09 10.84 21.37
N THR C 135 25.61 9.87 22.14
CA THR C 135 24.30 9.19 21.98
C THR C 135 23.50 9.37 23.28
N LEU C 136 22.35 10.01 23.20
CA LEU C 136 21.34 9.92 24.29
C LEU C 136 20.50 8.65 24.06
N VAL C 137 20.31 7.85 25.09
CA VAL C 137 19.56 6.59 24.98
C VAL C 137 18.25 6.73 25.77
N CYS C 138 17.11 6.71 25.08
CA CYS C 138 15.78 6.83 25.74
C CYS C 138 15.14 5.44 25.69
N LEU C 139 15.11 4.78 26.84
CA LEU C 139 14.64 3.40 26.99
C LEU C 139 13.23 3.43 27.58
N ILE C 140 12.27 2.84 26.85
CA ILE C 140 10.81 2.99 27.08
C ILE C 140 10.21 1.60 27.29
N SER C 141 9.71 1.30 28.48
CA SER C 141 9.19 -0.07 28.73
C SER C 141 7.81 -0.06 29.37
N ASP C 142 7.22 -1.24 29.42
CA ASP C 142 6.02 -1.52 30.24
C ASP C 142 4.84 -0.63 29.85
N PHE C 143 4.67 -0.28 28.58
CA PHE C 143 3.47 0.49 28.16
C PHE C 143 2.47 -0.44 27.48
N TYR C 144 1.20 -0.10 27.60
CA TYR C 144 0.07 -0.90 27.05
C TYR C 144 -1.14 0.00 26.97
N PRO C 145 -1.81 0.15 25.81
CA PRO C 145 -1.41 -0.54 24.58
C PRO C 145 -0.07 -0.13 23.96
N GLY C 146 0.35 -0.86 22.92
CA GLY C 146 1.69 -0.79 22.33
C GLY C 146 1.82 0.24 21.22
N ALA C 147 1.43 1.51 21.43
CA ALA C 147 1.77 2.64 20.53
C ALA C 147 2.24 3.86 21.34
N VAL C 148 3.45 4.34 21.05
CA VAL C 148 3.98 5.64 21.53
C VAL C 148 4.41 6.55 20.37
N THR C 149 4.52 7.84 20.64
CA THR C 149 5.31 8.79 19.83
C THR C 149 6.40 9.41 20.71
N VAL C 150 7.57 9.63 20.14
CA VAL C 150 8.73 10.17 20.91
C VAL C 150 9.13 11.49 20.26
N ALA C 151 9.30 12.51 21.06
CA ALA C 151 9.81 13.83 20.64
C ALA C 151 10.98 14.14 21.56
N TRP C 152 12.00 14.79 21.03
CA TRP C 152 13.22 15.20 21.77
C TRP C 152 13.27 16.71 21.78
N LYS C 153 13.74 17.29 22.87
CA LYS C 153 13.95 18.76 23.02
C LYS C 153 15.40 18.99 23.43
N ALA C 154 16.03 20.00 22.86
CA ALA C 154 17.28 20.59 23.38
C ALA C 154 16.90 21.88 24.07
N ASP C 155 17.13 22.00 25.36
CA ASP C 155 16.58 23.10 26.18
C ASP C 155 15.07 22.98 26.04
N SER C 156 14.40 23.82 25.27
CA SER C 156 12.94 23.70 25.08
C SER C 156 12.60 23.75 23.59
N SER C 157 13.56 23.46 22.71
CA SER C 157 13.36 23.52 21.24
C SER C 157 13.26 22.09 20.70
N PRO C 158 12.32 21.80 19.78
CA PRO C 158 12.26 20.49 19.14
C PRO C 158 13.61 20.18 18.47
N VAL C 159 13.94 18.90 18.36
CA VAL C 159 15.11 18.37 17.62
C VAL C 159 14.60 17.29 16.67
N LYS C 160 14.75 17.48 15.36
CA LYS C 160 14.34 16.50 14.32
C LYS C 160 15.56 15.66 13.90
N ALA C 161 16.72 16.30 13.75
CA ALA C 161 17.93 15.63 13.25
C ALA C 161 18.55 14.72 14.32
N GLY C 162 19.05 13.55 13.88
CA GLY C 162 19.81 12.59 14.69
C GLY C 162 18.94 11.62 15.51
N VAL C 163 17.64 11.54 15.26
CA VAL C 163 16.68 10.71 16.06
C VAL C 163 16.43 9.42 15.29
N GLU C 164 16.69 8.29 15.92
CA GLU C 164 16.26 6.95 15.42
C GLU C 164 15.44 6.30 16.54
N THR C 165 14.22 5.90 16.20
CA THR C 165 13.27 5.35 17.19
C THR C 165 12.77 4.00 16.69
N THR C 166 12.75 2.99 17.54
CA THR C 166 12.30 1.64 17.14
C THR C 166 10.76 1.61 17.10
N THR C 167 10.22 0.62 16.42
CA THR C 167 8.81 0.21 16.53
C THR C 167 8.65 -0.40 17.92
N PRO C 168 7.45 -0.31 18.52
CA PRO C 168 7.18 -1.02 19.76
C PRO C 168 7.25 -2.54 19.57
N SER C 169 7.68 -3.29 20.57
CA SER C 169 7.73 -4.75 20.50
C SER C 169 7.18 -5.31 21.81
N LYS C 170 6.43 -6.39 21.69
CA LYS C 170 5.76 -7.07 22.83
C LYS C 170 6.85 -7.65 23.72
N GLN C 171 6.78 -7.36 25.01
CA GLN C 171 7.61 -8.02 26.07
C GLN C 171 6.91 -9.33 26.50
N SER C 172 7.59 -10.13 27.31
CA SER C 172 7.07 -11.43 27.80
C SER C 172 5.86 -11.22 28.75
N ASN C 173 5.73 -10.04 29.38
CA ASN C 173 4.62 -9.66 30.30
C ASN C 173 3.44 -9.02 29.53
N ASN C 174 3.49 -9.02 28.21
CA ASN C 174 2.42 -8.52 27.30
C ASN C 174 2.36 -7.01 27.27
N LYS C 175 3.22 -6.30 27.98
CA LYS C 175 3.37 -4.85 27.72
C LYS C 175 4.41 -4.69 26.62
N TYR C 176 4.78 -3.45 26.28
CA TYR C 176 5.60 -3.15 25.09
C TYR C 176 6.83 -2.34 25.48
N ALA C 177 7.92 -2.57 24.74
CA ALA C 177 9.19 -1.83 24.84
C ALA C 177 9.48 -1.14 23.50
N ALA C 178 10.21 -0.03 23.57
CA ALA C 178 10.74 0.67 22.41
C ALA C 178 11.93 1.47 22.87
N SER C 179 12.68 2.00 21.94
CA SER C 179 13.80 2.86 22.34
C SER C 179 14.00 3.93 21.30
N SER C 180 14.55 5.05 21.75
CA SER C 180 14.87 6.23 20.92
C SER C 180 16.29 6.70 21.25
N TYR C 181 17.04 6.96 20.20
CA TYR C 181 18.49 7.28 20.23
C TYR C 181 18.61 8.67 19.62
N LEU C 182 19.21 9.63 20.33
CA LEU C 182 19.58 10.92 19.69
C LEU C 182 21.11 11.00 19.54
N SER C 183 21.58 11.12 18.31
CA SER C 183 23.02 11.24 17.96
C SER C 183 23.38 12.74 17.84
N LEU C 184 24.32 13.18 18.65
CA LEU C 184 24.85 14.58 18.68
C LEU C 184 26.37 14.55 18.51
N THR C 185 26.98 15.69 18.19
CA THR C 185 28.42 15.92 18.47
C THR C 185 28.58 16.17 19.97
N PRO C 186 29.77 15.87 20.53
CA PRO C 186 30.06 16.26 21.90
C PRO C 186 29.86 17.76 22.15
N GLU C 187 30.21 18.58 21.15
CA GLU C 187 30.03 20.05 21.15
C GLU C 187 28.54 20.37 21.35
N GLN C 188 27.63 19.77 20.57
CA GLN C 188 26.17 20.05 20.68
C GLN C 188 25.70 19.69 22.08
N TRP C 189 26.15 18.53 22.58
CA TRP C 189 25.73 17.99 23.90
C TRP C 189 26.07 19.00 24.99
N LYS C 190 27.31 19.53 24.98
CA LYS C 190 27.82 20.42 26.08
C LYS C 190 27.25 21.83 25.94
N SER C 191 26.78 22.22 24.75
CA SER C 191 26.37 23.61 24.41
C SER C 191 24.93 23.89 24.86
N HIS C 192 24.21 22.89 25.40
CA HIS C 192 22.81 23.06 25.87
C HIS C 192 22.78 22.75 27.37
N ARG C 193 21.84 23.31 28.11
CA ARG C 193 21.72 23.08 29.58
C ARG C 193 21.08 21.70 29.79
N SER C 194 20.17 21.29 28.92
CA SER C 194 19.44 20.01 29.10
C SER C 194 18.98 19.47 27.75
N TYR C 195 18.81 18.14 27.69
CA TYR C 195 18.04 17.46 26.62
C TYR C 195 16.90 16.66 27.27
N SER C 196 15.78 16.52 26.57
CA SER C 196 14.58 15.81 27.08
C SER C 196 14.09 14.83 26.02
N CYS C 197 13.72 13.67 26.51
CA CYS C 197 12.99 12.62 25.75
C CYS C 197 11.54 12.65 26.27
N GLN C 198 10.57 12.83 25.39
CA GLN C 198 9.13 13.03 25.68
C GLN C 198 8.33 11.93 25.00
N VAL C 199 7.85 10.98 25.77
CA VAL C 199 7.11 9.80 25.24
C VAL C 199 5.62 10.08 25.47
N THR C 200 4.88 10.14 24.38
CA THR C 200 3.40 10.27 24.38
C THR C 200 2.75 8.89 24.19
N HIS C 201 1.79 8.59 25.05
CA HIS C 201 1.03 7.34 25.10
C HIS C 201 -0.40 7.66 25.53
N GLU C 202 -1.42 7.34 24.71
CA GLU C 202 -2.85 7.49 25.09
C GLU C 202 -3.13 8.94 25.51
N GLY C 203 -2.55 9.92 24.80
CA GLY C 203 -2.70 11.37 25.00
C GLY C 203 -1.93 11.91 26.21
N SER C 204 -1.23 11.10 26.99
CA SER C 204 -0.45 11.54 28.16
C SER C 204 1.04 11.35 27.88
N THR C 205 1.89 12.17 28.47
CA THR C 205 3.35 12.24 28.13
C THR C 205 4.16 11.98 29.38
N VAL C 206 5.22 11.19 29.27
CA VAL C 206 6.25 11.04 30.33
C VAL C 206 7.54 11.63 29.76
N GLU C 207 8.15 12.57 30.45
CA GLU C 207 9.40 13.24 30.00
C GLU C 207 10.51 13.01 31.01
N LYS C 208 11.67 12.63 30.50
CA LYS C 208 12.91 12.55 31.29
C LYS C 208 13.90 13.55 30.71
N THR C 209 14.71 14.14 31.58
N THR C 209 14.70 14.18 31.59
CA THR C 209 15.66 15.23 31.24
CA THR C 209 15.66 15.26 31.24
C THR C 209 17.07 14.77 31.65
C THR C 209 17.06 14.78 31.65
N VAL C 210 18.10 15.12 30.89
CA VAL C 210 19.51 14.93 31.38
C VAL C 210 20.27 16.19 30.99
N ALA C 211 21.34 16.49 31.73
CA ALA C 211 22.10 17.76 31.63
C ALA C 211 23.60 17.42 31.57
N PRO C 212 24.40 18.09 30.70
CA PRO C 212 25.86 17.92 30.71
C PRO C 212 26.51 18.00 32.11
N THR C 213 26.02 18.88 32.98
CA THR C 213 26.19 18.83 34.47
C THR C 213 24.92 19.39 35.12
C1 NAG D . -22.14 -7.23 -13.02
C2 NAG D . -23.60 -7.61 -13.27
C3 NAG D . -24.42 -7.01 -12.11
C4 NAG D . -24.09 -7.65 -10.75
C5 NAG D . -22.56 -7.86 -10.52
C6 NAG D . -22.31 -9.21 -9.77
C7 NAG D . -24.50 -7.83 -15.62
C8 NAG D . -25.11 -7.00 -16.73
N2 NAG D . -24.13 -7.11 -14.54
O3 NAG D . -25.81 -7.18 -12.41
O4 NAG D . -24.68 -6.88 -9.66
O5 NAG D . -21.72 -7.76 -11.72
O6 NAG D . -21.05 -9.29 -9.07
O7 NAG D . -24.37 -9.03 -15.77
C1 GOL E . 35.86 -7.96 9.65
O1 GOL E . 35.00 -9.09 9.81
C2 GOL E . 35.19 -6.66 10.06
O2 GOL E . 35.38 -6.42 11.46
C3 GOL E . 35.67 -5.43 9.30
O3 GOL E . 34.60 -4.52 9.07
C1 GOL F . -11.63 -11.78 12.68
O1 GOL F . -10.49 -11.60 13.52
C2 GOL F . -11.58 -13.06 11.85
O2 GOL F . -12.80 -13.77 12.00
C3 GOL F . -11.34 -12.82 10.38
O3 GOL F . -9.96 -12.97 10.09
C1 GOL G . -1.02 6.91 29.51
O1 GOL G . -0.01 5.94 29.32
C2 GOL G . -2.30 6.28 29.99
O2 GOL G . -2.02 5.34 31.04
C3 GOL G . -3.31 7.33 30.44
O3 GOL G . -3.42 8.41 29.50
C1 GOL H . 14.09 0.19 32.00
O1 GOL H . 13.51 -1.06 31.61
C2 GOL H . 13.04 1.14 32.55
O2 GOL H . 13.45 1.56 33.85
C3 GOL H . 12.75 2.33 31.65
O3 GOL H . 12.24 1.97 30.36
#